data_9D36
#
_entry.id   9D36
#
loop_
_entity.id
_entity.type
_entity.pdbx_description
1 polymer 'Advanced glycosylation end product-specific receptor'
2 non-polymer 4-[(morpholin-4-yl)methyl]-2-{4-[(2R)-5-oxopyrrolidin-2-yl]phenyl}quinoline-7-carbonitrile
#
_entity_poly.entity_id   1
_entity_poly.type   'polypeptide(L)'
_entity_poly.pdbx_seq_one_letter_code
;LWQRRQRRGEERKAPENQEEEEERAELNQSEEPEAGESSTGGP
;
_entity_poly.pdbx_strand_id   A
#
# COMPACT_ATOMS: atom_id res chain seq x y z
N LEU A 1 -8.78 -0.83 -4.99
CA LEU A 1 -8.52 0.24 -3.97
C LEU A 1 -7.41 -0.18 -3.01
N TRP A 2 -7.80 -0.85 -1.94
CA TRP A 2 -6.88 -1.34 -0.93
C TRP A 2 -6.23 -2.66 -1.38
N GLN A 3 -5.51 -3.33 -0.48
CA GLN A 3 -4.89 -4.64 -0.74
C GLN A 3 -3.86 -4.71 -1.87
N ARG A 4 -2.85 -3.85 -1.81
CA ARG A 4 -1.73 -3.91 -2.75
C ARG A 4 -0.41 -3.70 -2.13
N ARG A 5 -0.25 -2.86 -1.13
CA ARG A 5 1.01 -2.71 -0.59
C ARG A 5 1.25 -3.59 0.61
N GLN A 6 0.32 -4.47 0.88
CA GLN A 6 0.44 -5.49 1.92
C GLN A 6 1.63 -6.40 1.64
N ARG A 7 1.96 -6.35 0.37
CA ARG A 7 2.98 -7.15 -0.25
C ARG A 7 4.31 -6.44 -0.23
N ARG A 8 4.27 -5.27 0.35
CA ARG A 8 5.49 -4.42 0.54
C ARG A 8 5.63 -3.86 1.97
N GLY A 9 4.56 -3.91 2.72
CA GLY A 9 4.52 -3.36 4.08
C GLY A 9 4.06 -1.91 4.06
N GLU A 10 3.50 -1.53 2.93
CA GLU A 10 3.02 -0.18 2.67
C GLU A 10 1.52 0.00 2.79
N GLU A 11 0.86 -1.13 2.98
CA GLU A 11 -0.60 -1.18 3.22
C GLU A 11 -1.47 -0.76 2.00
N ARG A 12 -1.76 0.53 1.88
CA ARG A 12 -2.65 1.05 0.86
C ARG A 12 -2.40 2.47 0.38
N LYS A 13 -3.16 2.79 -0.66
CA LYS A 13 -3.11 4.09 -1.38
C LYS A 13 -2.44 5.30 -0.72
N ALA A 14 -1.23 5.56 -1.19
CA ALA A 14 -0.44 6.73 -0.83
C ALA A 14 0.48 6.93 -1.98
N PRO A 15 0.92 8.16 -2.15
CA PRO A 15 1.95 8.38 -3.15
C PRO A 15 3.34 8.29 -2.51
N GLU A 16 3.67 7.09 -2.04
CA GLU A 16 4.88 6.78 -1.24
C GLU A 16 4.65 7.35 0.18
N ASN A 17 4.67 6.50 1.20
CA ASN A 17 4.39 6.96 2.56
C ASN A 17 5.66 7.55 3.19
N LEU A 1 -8.87 -0.41 -5.70
CA LEU A 1 -8.66 0.21 -4.36
C LEU A 1 -7.61 -0.59 -3.59
N TRP A 2 -7.92 -1.00 -2.38
CA TRP A 2 -7.06 -1.78 -1.48
C TRP A 2 -6.37 -3.06 -2.03
N GLN A 3 -5.69 -3.77 -1.13
CA GLN A 3 -4.97 -5.06 -1.41
C GLN A 3 -3.69 -4.96 -2.26
N ARG A 4 -2.95 -3.87 -2.12
CA ARG A 4 -1.72 -3.71 -2.90
C ARG A 4 -0.40 -3.38 -2.19
N ARG A 5 -0.34 -2.57 -1.14
CA ARG A 5 0.88 -2.22 -0.57
C ARG A 5 1.14 -3.09 0.64
N GLN A 6 0.15 -3.91 0.92
CA GLN A 6 0.17 -4.94 1.96
C GLN A 6 1.38 -5.81 1.80
N ARG A 7 1.65 -6.00 0.53
CA ARG A 7 2.70 -6.83 -0.02
C ARG A 7 4.07 -6.35 0.28
N ARG A 8 4.18 -5.06 0.11
CA ARG A 8 5.43 -4.33 0.34
C ARG A 8 5.63 -3.82 1.76
N GLY A 9 4.57 -3.77 2.54
CA GLY A 9 4.65 -3.29 3.93
C GLY A 9 4.01 -1.90 3.98
N GLU A 10 3.90 -1.34 2.79
CA GLU A 10 3.27 -0.04 2.54
C GLU A 10 1.80 0.06 2.90
N GLU A 11 1.19 -1.10 2.96
CA GLU A 11 -0.18 -1.29 3.35
C GLU A 11 -1.17 -0.84 2.26
N ARG A 12 -1.47 0.45 2.21
CA ARG A 12 -2.42 0.98 1.26
C ARG A 12 -2.50 2.50 1.19
N LYS A 13 -3.08 2.95 0.09
CA LYS A 13 -3.52 4.35 -0.14
C LYS A 13 -2.58 5.48 0.18
N ALA A 14 -1.43 5.42 -0.45
CA ALA A 14 -0.47 6.50 -0.41
C ALA A 14 0.29 6.60 -1.66
N PRO A 15 0.72 7.82 -1.99
CA PRO A 15 1.65 7.95 -3.10
C PRO A 15 3.09 8.04 -2.59
N GLU A 16 3.62 6.87 -2.19
CA GLU A 16 4.97 6.69 -1.60
C GLU A 16 4.99 7.26 -0.17
N ASN A 17 5.09 6.38 0.83
CA ASN A 17 5.12 6.85 2.21
C ASN A 17 6.51 7.34 2.60
N LEU A 1 -8.60 -0.60 -5.35
CA LEU A 1 -8.12 0.35 -4.30
C LEU A 1 -7.20 -0.38 -3.35
N TRP A 2 -7.65 -0.55 -2.11
CA TRP A 2 -6.87 -1.21 -1.06
C TRP A 2 -6.37 -2.63 -1.41
N GLN A 3 -5.57 -3.20 -0.49
CA GLN A 3 -5.06 -4.60 -0.61
C GLN A 3 -4.06 -4.80 -1.77
N ARG A 4 -2.99 -4.01 -1.76
CA ARG A 4 -1.93 -4.09 -2.74
C ARG A 4 -0.56 -3.92 -2.21
N ARG A 5 -0.31 -2.94 -1.38
CA ARG A 5 0.98 -2.78 -0.89
C ARG A 5 1.31 -3.49 0.40
N GLN A 6 0.39 -4.33 0.83
CA GLN A 6 0.51 -5.19 1.98
C GLN A 6 1.66 -6.13 1.80
N ARG A 7 1.94 -6.28 0.53
CA ARG A 7 2.97 -7.14 0.00
C ARG A 7 4.31 -6.46 -0.11
N ARG A 8 4.26 -5.20 0.24
CA ARG A 8 5.46 -4.34 0.26
C ARG A 8 5.71 -3.60 1.59
N GLY A 9 4.67 -3.54 2.42
CA GLY A 9 4.73 -2.82 3.69
C GLY A 9 3.94 -1.53 3.62
N GLU A 10 3.85 -0.98 2.42
CA GLU A 10 3.15 0.27 2.10
C GLU A 10 1.68 0.27 2.35
N GLU A 11 1.15 -0.92 2.53
CA GLU A 11 -0.25 -1.15 2.84
C GLU A 11 -1.23 -0.73 1.76
N ARG A 12 -1.59 0.55 1.77
CA ARG A 12 -2.54 1.15 0.85
C ARG A 12 -2.64 2.67 0.96
N LYS A 13 -3.23 3.25 -0.08
CA LYS A 13 -3.61 4.69 -0.20
C LYS A 13 -2.50 5.70 -0.40
N ALA A 14 -1.33 5.42 0.13
CA ALA A 14 -0.20 6.32 -0.01
C ALA A 14 0.63 6.12 -1.24
N PRO A 15 1.24 7.20 -1.74
CA PRO A 15 2.26 7.07 -2.76
C PRO A 15 3.69 7.23 -2.16
N GLU A 16 4.27 6.14 -1.65
CA GLU A 16 5.60 6.15 -0.99
C GLU A 16 5.52 6.87 0.37
N ASN A 17 4.44 6.55 1.08
CA ASN A 17 4.08 7.06 2.44
C ASN A 17 4.24 8.57 2.60
N LEU A 1 -8.12 0.24 -5.67
CA LEU A 1 -8.46 0.69 -4.28
C LEU A 1 -7.46 0.09 -3.27
N TRP A 2 -7.96 -0.67 -2.32
CA TRP A 2 -7.15 -1.31 -1.28
C TRP A 2 -6.40 -2.59 -1.76
N GLN A 3 -5.76 -3.29 -0.82
CA GLN A 3 -5.05 -4.59 -1.06
C GLN A 3 -3.93 -4.61 -2.10
N ARG A 4 -2.92 -3.78 -1.88
CA ARG A 4 -1.74 -3.79 -2.76
C ARG A 4 -0.42 -3.53 -2.07
N ARG A 5 -0.34 -2.71 -1.02
CA ARG A 5 0.89 -2.42 -0.42
C ARG A 5 1.16 -3.31 0.78
N GLN A 6 0.23 -4.22 0.95
CA GLN A 6 0.27 -5.27 1.95
C GLN A 6 1.48 -6.13 1.73
N ARG A 7 1.83 -6.14 0.46
CA ARG A 7 2.88 -6.96 -0.09
C ARG A 7 4.21 -6.28 -0.07
N ARG A 8 4.16 -5.02 0.30
CA ARG A 8 5.38 -4.20 0.41
C ARG A 8 5.68 -3.63 1.79
N GLY A 9 4.67 -3.65 2.65
CA GLY A 9 4.82 -3.10 4.01
C GLY A 9 4.21 -1.71 4.04
N GLU A 10 3.89 -1.23 2.87
CA GLU A 10 3.23 0.03 2.65
C GLU A 10 1.76 0.00 3.03
N GLU A 11 1.23 -1.21 3.12
CA GLU A 11 -0.16 -1.46 3.52
C GLU A 11 -1.15 -1.09 2.41
N ARG A 12 -1.46 0.20 2.31
CA ARG A 12 -2.43 0.67 1.34
C ARG A 12 -2.22 2.09 0.78
N LYS A 13 -3.12 2.39 -0.16
CA LYS A 13 -3.28 3.67 -0.89
C LYS A 13 -2.48 4.87 -0.47
N ALA A 14 -1.35 5.07 -1.13
CA ALA A 14 -0.52 6.24 -0.87
C ALA A 14 0.34 6.43 -2.06
N PRO A 15 0.73 7.67 -2.30
CA PRO A 15 1.74 7.90 -3.32
C PRO A 15 3.11 7.98 -2.66
N GLU A 16 3.54 6.82 -2.16
CA GLU A 16 4.80 6.67 -1.37
C GLU A 16 4.61 7.31 0.01
N ASN A 17 4.60 6.48 1.07
CA ASN A 17 4.40 6.96 2.43
C ASN A 17 5.71 7.52 2.97
N LEU A 1 -7.65 0.00 -5.84
CA LEU A 1 -8.34 0.31 -4.55
C LEU A 1 -7.43 -0.02 -3.36
N TRP A 2 -7.79 -1.00 -2.54
CA TRP A 2 -7.06 -1.37 -1.32
C TRP A 2 -6.36 -2.72 -1.50
N GLN A 3 -5.58 -3.16 -0.48
CA GLN A 3 -4.93 -4.50 -0.48
C GLN A 3 -3.94 -4.66 -1.64
N ARG A 4 -2.90 -3.83 -1.65
CA ARG A 4 -1.88 -3.93 -2.69
C ARG A 4 -0.51 -3.72 -2.17
N ARG A 5 -0.32 -2.86 -1.18
CA ARG A 5 0.98 -2.68 -0.67
C ARG A 5 1.27 -3.54 0.57
N GLN A 6 0.36 -4.44 0.86
CA GLN A 6 0.44 -5.46 1.89
C GLN A 6 1.61 -6.36 1.64
N ARG A 7 2.03 -6.28 0.40
CA ARG A 7 3.09 -7.06 -0.16
C ARG A 7 4.43 -6.39 -0.07
N ARG A 8 4.37 -5.16 0.38
CA ARG A 8 5.57 -4.33 0.60
C ARG A 8 5.72 -3.82 2.04
N GLY A 9 4.60 -3.74 2.77
CA GLY A 9 4.58 -3.22 4.14
C GLY A 9 3.77 -1.93 4.20
N GLU A 10 3.68 -1.27 3.06
CA GLU A 10 2.95 -0.01 2.89
C GLU A 10 1.47 -0.04 3.10
N GLU A 11 0.95 -1.24 3.17
CA GLU A 11 -0.46 -1.53 3.32
C GLU A 11 -1.34 -1.05 2.15
N ARG A 12 -1.64 0.24 2.15
CA ARG A 12 -2.62 0.81 1.27
C ARG A 12 -2.24 2.11 0.54
N LYS A 13 -3.27 2.79 0.08
CA LYS A 13 -3.21 3.94 -0.84
C LYS A 13 -2.38 5.12 -0.35
N ALA A 14 -1.38 5.50 -1.14
CA ALA A 14 -0.51 6.64 -0.84
C ALA A 14 0.18 7.07 -2.09
N PRO A 15 0.59 8.33 -2.13
CA PRO A 15 1.50 8.75 -3.17
C PRO A 15 2.94 8.66 -2.63
N GLU A 16 3.29 7.44 -2.23
CA GLU A 16 4.55 7.08 -1.56
C GLU A 16 4.57 7.54 -0.09
N ASN A 17 5.06 6.66 0.78
CA ASN A 17 5.15 6.97 2.21
C ASN A 17 6.61 7.09 2.57
N LEU A 1 -9.76 -1.01 -4.72
CA LEU A 1 -9.50 -0.04 -3.59
C LEU A 1 -8.16 -0.33 -2.96
N TRP A 2 -8.09 -1.20 -1.95
CA TRP A 2 -6.85 -1.57 -1.25
C TRP A 2 -6.10 -2.74 -1.98
N GLN A 3 -5.45 -3.61 -1.19
CA GLN A 3 -4.71 -4.81 -1.67
C GLN A 3 -3.44 -4.63 -2.52
N ARG A 4 -2.65 -3.61 -2.22
CA ARG A 4 -1.39 -3.37 -2.95
C ARG A 4 -0.16 -3.03 -2.14
N ARG A 5 -0.20 -2.23 -1.11
CA ARG A 5 0.96 -1.90 -0.40
C ARG A 5 1.17 -2.95 0.71
N GLN A 6 0.27 -3.90 0.69
CA GLN A 6 0.21 -5.07 1.57
C GLN A 6 1.41 -5.91 1.38
N ARG A 7 1.83 -5.88 0.14
CA ARG A 7 2.90 -6.66 -0.37
C ARG A 7 4.22 -6.01 -0.19
N ARG A 8 4.12 -4.77 0.22
CA ARG A 8 5.27 -3.91 0.49
C ARG A 8 5.50 -3.53 1.94
N GLY A 9 4.47 -3.67 2.74
CA GLY A 9 4.58 -3.35 4.15
C GLY A 9 4.10 -1.91 4.33
N GLU A 10 3.41 -1.46 3.30
CA GLU A 10 2.91 -0.11 3.17
C GLU A 10 1.40 -0.04 3.31
N GLU A 11 0.78 -1.17 3.60
CA GLU A 11 -0.67 -1.25 3.72
C GLU A 11 -1.49 -0.87 2.44
N ARG A 12 -2.02 0.35 2.44
CA ARG A 12 -2.93 0.79 1.39
C ARG A 12 -2.60 2.14 0.81
N LYS A 13 -3.13 2.33 -0.40
CA LYS A 13 -2.97 3.50 -1.28
C LYS A 13 -2.44 4.84 -0.76
N ALA A 14 -1.23 5.15 -1.17
CA ALA A 14 -0.58 6.43 -0.93
C ALA A 14 0.50 6.48 -1.93
N PRO A 15 0.91 7.67 -2.34
CA PRO A 15 2.06 7.69 -3.22
C PRO A 15 3.41 7.67 -2.48
N GLU A 16 3.85 6.48 -2.07
CA GLU A 16 5.06 6.24 -1.26
C GLU A 16 4.87 6.76 0.18
N ASN A 17 5.62 6.20 1.12
CA ASN A 17 5.62 6.75 2.51
C ASN A 17 6.54 7.97 2.57
N LEU A 1 -8.84 -0.23 -6.03
CA LEU A 1 -8.61 0.45 -4.72
C LEU A 1 -7.54 -0.32 -3.91
N TRP A 2 -7.75 -0.45 -2.59
CA TRP A 2 -6.87 -1.10 -1.63
C TRP A 2 -6.37 -2.54 -1.93
N GLN A 3 -5.55 -3.08 -1.02
CA GLN A 3 -4.92 -4.45 -1.09
C GLN A 3 -3.83 -4.55 -2.14
N ARG A 4 -2.85 -3.69 -1.97
CA ARG A 4 -1.69 -3.63 -2.85
C ARG A 4 -0.41 -3.40 -2.14
N ARG A 5 -0.30 -2.72 -1.02
CA ARG A 5 0.96 -2.58 -0.40
C ARG A 5 1.21 -3.51 0.76
N GLN A 6 0.32 -4.46 0.90
CA GLN A 6 0.41 -5.56 1.84
C GLN A 6 1.66 -6.35 1.53
N ARG A 7 2.00 -6.21 0.26
CA ARG A 7 3.09 -6.88 -0.37
C ARG A 7 4.39 -6.11 -0.24
N ARG A 8 4.26 -4.92 0.32
CA ARG A 8 5.42 -4.03 0.54
C ARG A 8 5.64 -3.54 1.98
N GLY A 9 4.59 -3.58 2.79
CA GLY A 9 4.66 -3.10 4.18
C GLY A 9 3.93 -1.80 4.37
N GLU A 10 3.58 -1.17 3.24
CA GLU A 10 2.86 0.08 3.24
C GLU A 10 1.40 -0.08 3.58
N GLU A 11 0.92 -1.30 3.38
CA GLU A 11 -0.46 -1.70 3.62
C GLU A 11 -1.38 -1.15 2.50
N ARG A 12 -1.74 0.11 2.62
CA ARG A 12 -2.62 0.77 1.70
C ARG A 12 -2.33 2.23 1.45
N LYS A 13 -2.92 2.68 0.36
CA LYS A 13 -3.08 4.11 -0.01
C LYS A 13 -2.02 5.12 0.38
N ALA A 14 -0.99 5.19 -0.43
CA ALA A 14 0.05 6.17 -0.27
C ALA A 14 0.56 6.56 -1.60
N PRO A 15 1.02 7.78 -1.72
CA PRO A 15 1.69 8.18 -2.93
C PRO A 15 3.21 8.14 -2.72
N GLU A 16 3.73 6.93 -2.66
CA GLU A 16 5.14 6.68 -2.38
C GLU A 16 5.47 7.06 -0.93
N ASN A 17 4.93 6.24 -0.03
CA ASN A 17 5.10 6.36 1.43
C ASN A 17 4.59 7.69 1.99
N LEU A 1 -8.52 -1.34 -5.88
CA LEU A 1 -8.37 -0.28 -4.85
C LEU A 1 -7.35 -0.70 -3.78
N TRP A 2 -7.76 -0.67 -2.52
CA TRP A 2 -6.95 -1.10 -1.38
C TRP A 2 -6.39 -2.55 -1.47
N GLN A 3 -5.56 -2.91 -0.49
CA GLN A 3 -4.93 -4.24 -0.38
C GLN A 3 -3.95 -4.56 -1.52
N ARG A 4 -2.92 -3.72 -1.61
CA ARG A 4 -1.86 -3.87 -2.61
C ARG A 4 -0.51 -3.69 -2.04
N ARG A 5 -0.28 -2.82 -1.09
CA ARG A 5 1.00 -2.76 -0.49
C ARG A 5 1.25 -3.65 0.71
N GLN A 6 0.32 -4.52 0.97
CA GLN A 6 0.44 -5.60 1.97
C GLN A 6 1.48 -6.58 1.54
N ARG A 7 1.96 -6.34 0.33
CA ARG A 7 2.90 -7.17 -0.35
C ARG A 7 4.24 -6.48 -0.39
N ARG A 8 4.25 -5.31 0.21
CA ARG A 8 5.49 -4.48 0.34
C ARG A 8 5.77 -3.88 1.72
N GLY A 9 4.73 -3.67 2.51
CA GLY A 9 4.86 -3.04 3.81
C GLY A 9 4.20 -1.67 3.89
N GLU A 10 3.63 -1.22 2.78
CA GLU A 10 2.96 0.09 2.68
C GLU A 10 1.48 0.07 2.90
N GLU A 11 0.90 -1.11 3.09
CA GLU A 11 -0.54 -1.26 3.32
C GLU A 11 -1.42 -0.78 2.13
N ARG A 12 -1.81 0.50 2.14
CA ARG A 12 -2.68 1.06 1.12
C ARG A 12 -2.65 2.59 0.96
N LYS A 13 -3.11 3.04 -0.20
CA LYS A 13 -3.32 4.45 -0.55
C LYS A 13 -2.35 5.53 -0.08
N ALA A 14 -1.17 5.48 -0.61
CA ALA A 14 -0.15 6.50 -0.34
C ALA A 14 0.61 6.73 -1.58
N PRO A 15 1.14 7.94 -1.74
CA PRO A 15 2.05 8.21 -2.84
C PRO A 15 3.53 8.18 -2.39
N GLU A 16 4.04 6.99 -2.14
CA GLU A 16 5.40 6.76 -1.64
C GLU A 16 5.59 7.23 -0.20
N ASN A 17 4.96 6.47 0.70
CA ASN A 17 5.04 6.68 2.17
C ASN A 17 4.53 8.05 2.60
N LEU A 1 -8.69 -0.51 -5.66
CA LEU A 1 -8.93 -0.12 -4.23
C LEU A 1 -7.73 -0.50 -3.37
N TRP A 2 -7.99 -1.05 -2.20
CA TRP A 2 -6.99 -1.51 -1.25
C TRP A 2 -6.30 -2.83 -1.72
N GLN A 3 -5.64 -3.55 -0.81
CA GLN A 3 -4.96 -4.85 -1.08
C GLN A 3 -3.84 -4.85 -2.12
N ARG A 4 -2.91 -3.91 -2.03
CA ARG A 4 -1.76 -3.82 -2.95
C ARG A 4 -0.43 -3.49 -2.31
N ARG A 5 -0.36 -2.66 -1.29
CA ARG A 5 0.85 -2.30 -0.72
C ARG A 5 1.17 -3.14 0.51
N GLN A 6 0.26 -4.05 0.74
CA GLN A 6 0.30 -5.07 1.79
C GLN A 6 1.53 -5.91 1.66
N ARG A 7 1.97 -5.92 0.42
CA ARG A 7 3.04 -6.73 -0.07
C ARG A 7 4.36 -6.06 0.02
N ARG A 8 4.30 -4.81 0.42
CA ARG A 8 5.48 -3.97 0.59
C ARG A 8 5.59 -3.38 1.99
N GLY A 9 4.48 -3.38 2.72
CA GLY A 9 4.43 -2.82 4.08
C GLY A 9 3.85 -1.43 4.00
N GLU A 10 3.74 -0.99 2.76
CA GLU A 10 3.10 0.26 2.38
C GLU A 10 1.63 0.25 2.70
N GLU A 11 1.12 -0.99 2.74
CA GLU A 11 -0.23 -1.32 3.14
C GLU A 11 -1.26 -0.92 2.07
N ARG A 12 -1.59 0.36 2.06
CA ARG A 12 -2.57 0.91 1.12
C ARG A 12 -2.65 2.42 1.02
N LYS A 13 -3.24 2.84 -0.09
CA LYS A 13 -3.65 4.25 -0.40
C LYS A 13 -2.61 5.33 -0.57
N ALA A 14 -1.47 5.19 0.05
CA ALA A 14 -0.43 6.21 -0.01
C ALA A 14 0.26 6.29 -1.31
N PRO A 15 0.72 7.48 -1.64
CA PRO A 15 1.61 7.61 -2.79
C PRO A 15 3.05 7.73 -2.29
N GLU A 16 3.63 6.57 -1.93
CA GLU A 16 5.01 6.48 -1.40
C GLU A 16 5.11 7.04 0.04
N ASN A 17 5.35 6.17 1.01
CA ASN A 17 5.53 6.59 2.40
C ASN A 17 7.02 6.90 2.60
N LEU A 1 -8.49 -0.28 -5.15
CA LEU A 1 -8.47 0.53 -3.87
C LEU A 1 -7.41 0.00 -2.90
N TRP A 2 -7.76 -1.03 -2.17
CA TRP A 2 -6.87 -1.67 -1.21
C TRP A 2 -6.12 -2.88 -1.80
N GLN A 3 -5.56 -3.71 -0.92
CA GLN A 3 -4.89 -4.99 -1.24
C GLN A 3 -3.69 -4.95 -2.18
N ARG A 4 -2.96 -3.85 -2.18
CA ARG A 4 -1.76 -3.72 -3.02
C ARG A 4 -0.45 -3.44 -2.31
N ARG A 5 -0.39 -2.61 -1.29
CA ARG A 5 0.80 -2.25 -0.65
C ARG A 5 1.09 -3.09 0.59
N GLN A 6 0.11 -3.91 0.90
CA GLN A 6 0.12 -4.94 1.96
C GLN A 6 1.39 -5.75 1.83
N ARG A 7 1.68 -5.92 0.56
CA ARG A 7 2.76 -6.68 0.02
C ARG A 7 4.12 -6.11 0.19
N ARG A 8 4.16 -4.82 0.02
CA ARG A 8 5.39 -4.07 0.18
C ARG A 8 5.64 -3.54 1.59
N GLY A 9 4.60 -3.57 2.41
CA GLY A 9 4.68 -3.06 3.79
C GLY A 9 4.11 -1.66 3.86
N GLU A 10 3.78 -1.18 2.68
CA GLU A 10 3.13 0.10 2.43
C GLU A 10 1.67 0.15 2.77
N GLU A 11 1.10 -1.04 2.90
CA GLU A 11 -0.28 -1.31 3.25
C GLU A 11 -1.28 -0.93 2.13
N ARG A 12 -1.62 0.36 2.08
CA ARG A 12 -2.54 0.87 1.10
C ARG A 12 -2.62 2.37 0.91
N LYS A 13 -3.13 2.68 -0.27
CA LYS A 13 -3.55 4.02 -0.74
C LYS A 13 -2.55 5.11 -1.00
N ALA A 14 -1.56 5.21 -0.14
CA ALA A 14 -0.59 6.29 -0.24
C ALA A 14 0.27 6.18 -1.47
N PRO A 15 0.68 7.33 -1.96
CA PRO A 15 1.72 7.33 -2.96
C PRO A 15 3.08 7.57 -2.33
N GLU A 16 3.75 6.49 -1.93
CA GLU A 16 5.09 6.53 -1.31
C GLU A 16 5.01 7.17 0.10
N ASN A 17 4.95 6.30 1.14
CA ASN A 17 4.87 6.76 2.53
C ASN A 17 6.22 7.32 2.99
N LEU A 1 -8.39 0.19 -5.25
CA LEU A 1 -8.46 0.62 -3.83
C LEU A 1 -7.41 -0.15 -3.00
N TRP A 2 -7.78 -0.75 -1.89
CA TRP A 2 -6.91 -1.54 -1.02
C TRP A 2 -6.33 -2.83 -1.66
N GLN A 3 -5.68 -3.65 -0.83
CA GLN A 3 -5.07 -4.96 -1.19
C GLN A 3 -3.87 -4.98 -2.16
N ARG A 4 -2.95 -4.03 -2.03
CA ARG A 4 -1.74 -3.99 -2.90
C ARG A 4 -0.39 -3.64 -2.27
N ARG A 5 -0.30 -2.78 -1.28
CA ARG A 5 0.93 -2.41 -0.73
C ARG A 5 1.19 -3.21 0.52
N GLN A 6 0.25 -4.06 0.79
CA GLN A 6 0.26 -5.06 1.85
C GLN A 6 1.48 -5.91 1.73
N ARG A 7 1.80 -6.07 0.47
CA ARG A 7 2.84 -6.94 0.01
C ARG A 7 4.23 -6.33 0.07
N ARG A 8 4.22 -5.05 0.34
CA ARG A 8 5.46 -4.28 0.47
C ARG A 8 5.66 -3.61 1.83
N GLY A 9 4.59 -3.55 2.61
CA GLY A 9 4.61 -2.92 3.92
C GLY A 9 4.00 -1.54 3.85
N GLU A 10 3.84 -1.11 2.61
CA GLU A 10 3.21 0.17 2.25
C GLU A 10 1.75 0.17 2.60
N GLU A 11 1.21 -1.03 2.73
CA GLU A 11 -0.17 -1.31 3.12
C GLU A 11 -1.16 -0.88 2.03
N ARG A 12 -1.45 0.40 1.97
CA ARG A 12 -2.39 0.98 1.02
C ARG A 12 -2.48 2.51 0.95
N LYS A 13 -3.14 2.96 -0.12
CA LYS A 13 -3.55 4.36 -0.38
C LYS A 13 -2.51 5.38 -0.79
N ALA A 14 -1.46 5.50 -0.03
CA ALA A 14 -0.47 6.52 -0.31
C ALA A 14 0.39 6.22 -1.48
N PRO A 15 0.77 7.28 -2.20
CA PRO A 15 1.84 7.14 -3.15
C PRO A 15 3.14 7.54 -2.47
N GLU A 16 3.87 6.53 -2.03
CA GLU A 16 5.15 6.68 -1.29
C GLU A 16 4.84 7.23 0.15
N ASN A 17 4.73 6.32 1.11
CA ASN A 17 4.44 6.71 2.50
C ASN A 17 5.64 7.44 3.09
N LEU A 1 -7.04 1.11 -5.01
CA LEU A 1 -7.88 0.80 -3.83
C LEU A 1 -7.04 0.20 -2.72
N TRP A 2 -7.50 -0.90 -2.18
CA TRP A 2 -6.89 -1.61 -1.06
C TRP A 2 -6.19 -2.90 -1.55
N GLN A 3 -5.48 -3.58 -0.65
CA GLN A 3 -4.86 -4.92 -0.88
C GLN A 3 -3.80 -4.98 -1.98
N ARG A 4 -2.82 -4.10 -1.92
CA ARG A 4 -1.70 -4.10 -2.86
C ARG A 4 -0.38 -3.87 -2.20
N ARG A 5 -0.24 -3.02 -1.20
CA ARG A 5 1.03 -2.92 -0.59
C ARG A 5 1.25 -3.78 0.62
N GLN A 6 0.33 -4.69 0.81
CA GLN A 6 0.41 -5.72 1.84
C GLN A 6 1.62 -6.56 1.59
N ARG A 7 1.98 -6.52 0.31
CA ARG A 7 3.08 -7.24 -0.26
C ARG A 7 4.39 -6.51 -0.18
N ARG A 8 4.30 -5.29 0.32
CA ARG A 8 5.50 -4.44 0.55
C ARG A 8 5.64 -3.81 1.94
N GLY A 9 4.54 -3.71 2.67
CA GLY A 9 4.52 -3.07 3.97
C GLY A 9 3.91 -1.66 3.94
N GLU A 10 3.43 -1.26 2.78
CA GLU A 10 2.85 0.09 2.62
C GLU A 10 1.37 0.12 2.81
N GLU A 11 0.80 -1.07 2.94
CA GLU A 11 -0.64 -1.24 3.17
C GLU A 11 -1.51 -0.83 1.94
N ARG A 12 -1.87 0.45 1.89
CA ARG A 12 -2.74 1.00 0.86
C ARG A 12 -2.87 2.52 0.82
N LYS A 13 -3.23 2.98 -0.38
CA LYS A 13 -3.67 4.36 -0.65
C LYS A 13 -2.75 5.51 -0.31
N ALA A 14 -1.52 5.40 -0.76
CA ALA A 14 -0.58 6.49 -0.67
C ALA A 14 0.31 6.47 -1.87
N PRO A 15 0.76 7.66 -2.26
CA PRO A 15 1.82 7.74 -3.25
C PRO A 15 3.20 7.93 -2.61
N GLU A 16 3.79 6.83 -2.20
CA GLU A 16 5.11 6.80 -1.53
C GLU A 16 5.08 7.62 -0.23
N ASN A 17 4.60 6.99 0.85
CA ASN A 17 4.42 7.66 2.14
C ASN A 17 5.71 7.80 2.94
N LEU A 1 -8.36 -0.75 -5.93
CA LEU A 1 -8.39 0.04 -4.67
C LEU A 1 -7.39 -0.55 -3.68
N TRP A 2 -7.83 -0.80 -2.46
CA TRP A 2 -7.00 -1.34 -1.37
C TRP A 2 -6.39 -2.74 -1.66
N GLN A 3 -5.65 -3.29 -0.66
CA GLN A 3 -5.03 -4.65 -0.73
C GLN A 3 -3.92 -4.72 -1.75
N ARG A 4 -2.98 -3.77 -1.66
CA ARG A 4 -1.89 -3.69 -2.61
C ARG A 4 -0.54 -3.34 -2.05
N ARG A 5 -0.41 -2.60 -0.96
CA ARG A 5 0.85 -2.40 -0.43
C ARG A 5 1.17 -3.36 0.69
N GLN A 6 0.30 -4.31 0.84
CA GLN A 6 0.41 -5.47 1.73
C GLN A 6 1.60 -6.27 1.33
N ARG A 7 1.98 -6.03 0.09
CA ARG A 7 3.05 -6.72 -0.57
C ARG A 7 4.36 -6.03 -0.39
N ARG A 8 4.27 -4.87 0.23
CA ARG A 8 5.46 -4.04 0.53
C ARG A 8 5.61 -3.64 2.00
N GLY A 9 4.53 -3.77 2.76
CA GLY A 9 4.51 -3.40 4.15
C GLY A 9 3.81 -2.07 4.36
N GLU A 10 3.62 -1.37 3.26
CA GLU A 10 2.94 -0.07 3.21
C GLU A 10 1.46 -0.13 3.50
N GLU A 11 0.90 -1.32 3.29
CA GLU A 11 -0.53 -1.59 3.53
C GLU A 11 -1.45 -1.02 2.44
N ARG A 12 -1.67 0.30 2.49
CA ARG A 12 -2.57 0.95 1.56
C ARG A 12 -2.12 2.29 0.91
N LYS A 13 -3.08 2.84 0.17
CA LYS A 13 -3.00 4.03 -0.70
C LYS A 13 -2.32 5.31 -0.21
N ALA A 14 -1.25 5.66 -0.93
CA ALA A 14 -0.49 6.88 -0.69
C ALA A 14 0.30 7.01 -1.93
N PRO A 15 0.66 8.24 -2.23
CA PRO A 15 1.66 8.38 -3.28
C PRO A 15 3.08 8.34 -2.72
N GLU A 16 3.53 7.11 -2.40
CA GLU A 16 4.85 6.83 -1.78
C GLU A 16 4.87 7.32 -0.31
N ASN A 17 4.90 6.39 0.64
CA ASN A 17 4.90 6.75 2.06
C ASN A 17 6.33 7.06 2.50
N LEU A 1 -8.62 -1.82 -5.47
CA LEU A 1 -8.23 -0.58 -4.74
C LEU A 1 -7.36 -0.93 -3.56
N TRP A 2 -7.92 -0.87 -2.37
CA TRP A 2 -7.24 -1.21 -1.14
C TRP A 2 -6.61 -2.64 -1.15
N GLN A 3 -5.71 -2.89 -0.18
CA GLN A 3 -4.99 -4.18 -0.04
C GLN A 3 -4.11 -4.51 -1.26
N ARG A 4 -3.10 -3.66 -1.45
CA ARG A 4 -2.15 -3.81 -2.57
C ARG A 4 -0.76 -3.59 -2.12
N ARG A 5 -0.50 -2.76 -1.13
CA ARG A 5 0.81 -2.67 -0.66
C ARG A 5 1.16 -3.57 0.51
N GLN A 6 0.25 -4.45 0.85
CA GLN A 6 0.48 -5.50 1.84
C GLN A 6 1.55 -6.47 1.40
N ARG A 7 1.92 -6.24 0.16
CA ARG A 7 2.84 -7.03 -0.59
C ARG A 7 4.19 -6.34 -0.60
N ARG A 8 4.23 -5.25 0.13
CA ARG A 8 5.46 -4.42 0.33
C ARG A 8 5.70 -3.91 1.76
N GLY A 9 4.65 -3.46 2.45
CA GLY A 9 4.77 -2.85 3.78
C GLY A 9 3.95 -1.58 3.83
N GLU A 10 3.73 -1.00 2.64
CA GLU A 10 3.01 0.29 2.47
C GLU A 10 1.54 0.25 2.84
N GLU A 11 1.00 -0.97 2.93
CA GLU A 11 -0.43 -1.20 3.26
C GLU A 11 -1.40 -0.79 2.13
N ARG A 12 -1.66 0.51 2.03
CA ARG A 12 -2.62 1.02 1.10
C ARG A 12 -2.20 2.26 0.32
N LYS A 13 -3.19 2.91 -0.30
CA LYS A 13 -2.98 4.02 -1.24
C LYS A 13 -2.35 5.27 -0.65
N ALA A 14 -1.16 5.52 -1.13
CA ALA A 14 -0.33 6.66 -0.76
C ALA A 14 0.59 6.77 -1.91
N PRO A 15 1.17 7.94 -2.11
CA PRO A 15 2.25 8.09 -3.07
C PRO A 15 3.62 8.04 -2.40
N GLU A 16 3.88 6.95 -1.66
CA GLU A 16 5.05 6.76 -0.79
C GLU A 16 4.83 7.59 0.50
N ASN A 17 4.87 6.90 1.63
CA ASN A 17 4.66 7.51 2.93
C ASN A 17 5.96 8.10 3.45
N LEU A 1 -8.73 -0.91 -5.65
CA LEU A 1 -8.49 0.16 -4.69
C LEU A 1 -7.47 -0.28 -3.66
N TRP A 2 -7.94 -0.87 -2.58
CA TRP A 2 -7.11 -1.32 -1.48
C TRP A 2 -6.38 -2.67 -1.77
N GLN A 3 -5.78 -3.26 -0.72
CA GLN A 3 -5.10 -4.58 -0.76
C GLN A 3 -3.92 -4.71 -1.76
N ARG A 4 -3.05 -3.71 -1.76
CA ARG A 4 -1.90 -3.74 -2.67
C ARG A 4 -0.55 -3.45 -2.11
N ARG A 5 -0.45 -2.68 -1.06
CA ARG A 5 0.80 -2.34 -0.53
C ARG A 5 1.17 -3.18 0.67
N GLN A 6 0.25 -4.04 1.00
CA GLN A 6 0.35 -5.10 1.99
C GLN A 6 1.59 -5.91 1.71
N ARG A 7 1.76 -6.04 0.43
CA ARG A 7 2.78 -6.81 -0.20
C ARG A 7 4.16 -6.22 -0.14
N ARG A 8 4.14 -4.96 0.22
CA ARG A 8 5.36 -4.17 0.38
C ARG A 8 5.61 -3.61 1.76
N GLY A 9 4.59 -3.64 2.59
CA GLY A 9 4.70 -3.11 3.96
C GLY A 9 4.00 -1.78 4.05
N GLU A 10 3.88 -1.21 2.89
CA GLU A 10 3.21 0.07 2.59
C GLU A 10 1.74 0.03 2.97
N GLU A 11 1.20 -1.19 2.96
CA GLU A 11 -0.16 -1.52 3.36
C GLU A 11 -1.18 -1.08 2.31
N ARG A 12 -1.42 0.21 2.21
CA ARG A 12 -2.37 0.74 1.27
C ARG A 12 -2.05 2.13 0.66
N LYS A 13 -3.09 2.93 0.47
CA LYS A 13 -3.09 4.08 -0.42
C LYS A 13 -2.21 5.24 0.01
N ALA A 14 -1.10 5.39 -0.70
CA ALA A 14 -0.24 6.56 -0.61
C ALA A 14 0.47 6.66 -1.91
N PRO A 15 0.86 7.86 -2.28
CA PRO A 15 1.82 7.98 -3.33
C PRO A 15 3.20 8.01 -2.67
N GLU A 16 3.61 6.82 -2.22
CA GLU A 16 4.84 6.58 -1.40
C GLU A 16 4.57 7.13 -0.01
N ASN A 17 4.61 6.24 1.00
CA ASN A 17 4.34 6.68 2.40
C ASN A 17 5.61 7.25 2.98
N LEU A 1 -9.84 -1.02 -5.62
CA LEU A 1 -8.92 -0.30 -4.72
C LEU A 1 -8.31 -1.27 -3.75
N TRP A 2 -7.61 -0.72 -2.77
CA TRP A 2 -6.92 -1.48 -1.72
C TRP A 2 -6.03 -2.64 -2.22
N GLN A 3 -5.61 -3.50 -1.30
CA GLN A 3 -4.88 -4.76 -1.62
C GLN A 3 -3.60 -4.68 -2.45
N ARG A 4 -2.85 -3.60 -2.24
CA ARG A 4 -1.62 -3.41 -2.99
C ARG A 4 -0.35 -3.14 -2.22
N ARG A 5 -0.37 -2.48 -1.08
CA ARG A 5 0.83 -2.17 -0.42
C ARG A 5 1.03 -3.13 0.71
N GLN A 6 0.05 -4.01 0.83
CA GLN A 6 0.01 -5.11 1.80
C GLN A 6 1.29 -5.91 1.67
N ARG A 7 1.64 -5.99 0.40
CA ARG A 7 2.74 -6.74 -0.16
C ARG A 7 4.11 -6.26 0.19
N ARG A 8 4.22 -4.95 0.18
CA ARG A 8 5.45 -4.24 0.46
C ARG A 8 5.60 -3.76 1.89
N GLY A 9 4.50 -3.77 2.64
CA GLY A 9 4.51 -3.34 4.05
C GLY A 9 3.88 -1.96 4.17
N GLU A 10 3.62 -1.36 3.01
CA GLU A 10 2.95 -0.08 2.90
C GLU A 10 1.50 -0.14 3.28
N GLU A 11 0.97 -1.34 3.20
CA GLU A 11 -0.42 -1.67 3.57
C GLU A 11 -1.35 -1.10 2.49
N ARG A 12 -1.67 0.19 2.59
CA ARG A 12 -2.50 0.85 1.61
C ARG A 12 -2.19 2.32 1.37
N LYS A 13 -2.94 2.82 0.39
CA LYS A 13 -3.08 4.26 0.04
C LYS A 13 -1.97 5.21 0.41
N ALA A 14 -1.03 5.37 -0.49
CA ALA A 14 0.02 6.35 -0.39
C ALA A 14 0.50 6.69 -1.72
N PRO A 15 0.95 7.91 -1.89
CA PRO A 15 1.63 8.25 -3.11
C PRO A 15 3.12 8.27 -2.80
N GLU A 16 3.62 7.11 -2.36
CA GLU A 16 5.00 6.90 -1.84
C GLU A 16 5.09 7.51 -0.42
N ASN A 17 5.21 6.65 0.61
CA ASN A 17 5.21 7.09 2.01
C ASN A 17 6.56 7.69 2.36
N LEU A 1 -7.76 0.15 -5.27
CA LEU A 1 -7.98 0.82 -3.96
C LEU A 1 -7.05 0.22 -2.90
N TRP A 2 -7.56 -0.67 -2.07
CA TRP A 2 -6.80 -1.32 -1.02
C TRP A 2 -6.10 -2.62 -1.54
N GLN A 3 -5.42 -3.35 -0.64
CA GLN A 3 -4.80 -4.67 -0.91
C GLN A 3 -3.66 -4.75 -1.93
N ARG A 4 -2.72 -3.82 -1.83
CA ARG A 4 -1.56 -3.81 -2.72
C ARG A 4 -0.27 -3.46 -2.06
N ARG A 5 -0.20 -2.63 -1.04
CA ARG A 5 1.05 -2.45 -0.38
C ARG A 5 1.25 -3.49 0.74
N GLN A 6 0.37 -4.47 0.76
CA GLN A 6 0.41 -5.67 1.60
C GLN A 6 1.51 -6.59 1.12
N ARG A 7 2.14 -6.14 0.07
CA ARG A 7 3.19 -6.86 -0.60
C ARG A 7 4.47 -6.12 -0.43
N ARG A 8 4.34 -5.03 0.28
CA ARG A 8 5.47 -4.13 0.63
C ARG A 8 5.62 -3.82 2.13
N GLY A 9 4.54 -4.00 2.87
CA GLY A 9 4.50 -3.65 4.29
C GLY A 9 3.95 -2.24 4.48
N GLU A 10 3.23 -1.78 3.47
CA GLU A 10 2.68 -0.43 3.43
C GLU A 10 1.15 -0.31 3.45
N GLU A 11 0.47 -1.42 3.61
CA GLU A 11 -1.00 -1.47 3.59
C GLU A 11 -1.73 -0.98 2.28
N ARG A 12 -2.17 0.27 2.26
CA ARG A 12 -2.94 0.81 1.15
C ARG A 12 -2.78 2.28 0.83
N LYS A 13 -3.24 2.63 -0.37
CA LYS A 13 -3.39 3.99 -0.92
C LYS A 13 -2.53 5.18 -0.48
N ALA A 14 -1.45 5.41 -1.19
CA ALA A 14 -0.59 6.59 -0.99
C ALA A 14 0.31 6.73 -2.17
N PRO A 15 0.70 7.96 -2.45
CA PRO A 15 1.72 8.15 -3.49
C PRO A 15 3.13 8.15 -2.88
N GLU A 16 3.53 6.96 -2.40
CA GLU A 16 4.81 6.71 -1.69
C GLU A 16 4.72 7.34 -0.25
N ASN A 17 4.99 6.57 0.82
CA ASN A 17 4.99 7.16 2.17
C ASN A 17 6.22 8.04 2.40
N LEU A 1 -8.60 -0.07 -4.97
CA LEU A 1 -8.38 0.75 -3.72
C LEU A 1 -7.26 0.16 -2.89
N TRP A 2 -7.59 -0.84 -2.10
CA TRP A 2 -6.63 -1.51 -1.22
C TRP A 2 -5.85 -2.62 -1.98
N GLN A 3 -5.31 -3.59 -1.25
CA GLN A 3 -4.55 -4.78 -1.75
C GLN A 3 -3.13 -4.58 -2.28
N ARG A 4 -2.66 -3.35 -2.45
CA ARG A 4 -1.30 -3.13 -3.03
C ARG A 4 -0.13 -2.76 -2.18
N ARG A 5 -0.23 -2.07 -1.07
CA ARG A 5 0.92 -1.77 -0.33
C ARG A 5 1.12 -2.86 0.71
N GLN A 6 0.14 -3.73 0.80
CA GLN A 6 0.13 -4.93 1.63
C GLN A 6 1.38 -5.73 1.36
N ARG A 7 1.66 -5.73 0.09
CA ARG A 7 2.77 -6.42 -0.55
C ARG A 7 4.10 -5.93 -0.12
N ARG A 8 4.15 -4.64 -0.01
CA ARG A 8 5.35 -3.90 0.41
C ARG A 8 5.46 -3.65 1.91
N GLY A 9 4.37 -3.85 2.65
CA GLY A 9 4.37 -3.62 4.11
C GLY A 9 3.89 -2.21 4.40
N GLU A 10 3.33 -1.60 3.36
CA GLU A 10 2.81 -0.25 3.33
C GLU A 10 1.29 -0.18 3.45
N GLU A 11 0.70 -1.35 3.64
CA GLU A 11 -0.74 -1.50 3.79
C GLU A 11 -1.66 -1.00 2.62
N ARG A 12 -2.37 0.10 2.87
CA ARG A 12 -3.34 0.68 1.96
C ARG A 12 -2.72 1.80 1.16
N LYS A 13 -3.35 2.05 0.02
CA LYS A 13 -3.00 3.13 -0.94
C LYS A 13 -2.45 4.47 -0.43
N ALA A 14 -1.35 4.87 -1.04
CA ALA A 14 -0.71 6.16 -0.82
C ALA A 14 0.22 6.28 -1.98
N PRO A 15 0.50 7.51 -2.40
CA PRO A 15 1.49 7.68 -3.45
C PRO A 15 2.91 7.82 -2.90
N GLU A 16 3.48 6.68 -2.52
CA GLU A 16 4.81 6.55 -1.87
C GLU A 16 4.80 7.19 -0.46
N ASN A 17 5.26 6.45 0.55
CA ASN A 17 5.30 6.98 1.94
C ASN A 17 6.74 7.13 2.47
N LEU A 1 -9.47 -1.29 -5.55
CA LEU A 1 -8.96 -0.21 -4.66
C LEU A 1 -7.82 -0.70 -3.80
N TRP A 2 -8.13 -1.25 -2.64
CA TRP A 2 -7.13 -1.74 -1.68
C TRP A 2 -6.35 -3.03 -2.13
N GLN A 3 -5.66 -3.64 -1.17
CA GLN A 3 -4.87 -4.88 -1.36
C GLN A 3 -3.64 -4.70 -2.26
N ARG A 4 -2.87 -3.64 -1.99
CA ARG A 4 -1.66 -3.36 -2.77
C ARG A 4 -0.38 -3.25 -2.02
N ARG A 5 -0.31 -2.43 -0.98
CA ARG A 5 0.92 -2.19 -0.35
C ARG A 5 1.19 -3.13 0.79
N GLN A 6 0.21 -3.98 1.00
CA GLN A 6 0.22 -5.10 1.93
C GLN A 6 1.46 -5.93 1.72
N ARG A 7 1.76 -5.98 0.44
CA ARG A 7 2.83 -6.73 -0.17
C ARG A 7 4.19 -6.20 0.11
N ARG A 8 4.22 -4.90 0.12
CA ARG A 8 5.44 -4.14 0.40
C ARG A 8 5.65 -3.77 1.86
N GLY A 9 4.58 -3.86 2.65
CA GLY A 9 4.66 -3.49 4.07
C GLY A 9 4.18 -2.05 4.24
N GLU A 10 3.52 -1.57 3.21
CA GLU A 10 3.01 -0.21 3.14
C GLU A 10 1.54 -0.08 3.40
N GLU A 11 0.86 -1.22 3.23
CA GLU A 11 -0.58 -1.39 3.50
C GLU A 11 -1.47 -0.87 2.35
N ARG A 12 -1.82 0.40 2.39
CA ARG A 12 -2.74 0.96 1.42
C ARG A 12 -2.33 2.30 0.79
N LYS A 13 -3.31 3.17 0.60
CA LYS A 13 -3.24 4.44 -0.15
C LYS A 13 -2.19 5.46 0.30
N ALA A 14 -1.21 5.67 -0.57
CA ALA A 14 -0.21 6.69 -0.39
C ALA A 14 0.36 7.01 -1.72
N PRO A 15 0.84 8.23 -1.87
CA PRO A 15 1.64 8.54 -3.04
C PRO A 15 3.11 8.40 -2.67
N GLU A 16 3.51 7.16 -2.41
CA GLU A 16 4.84 6.79 -1.89
C GLU A 16 4.91 7.20 -0.39
N ASN A 17 5.00 6.20 0.49
CA ASN A 17 5.04 6.45 1.94
C ASN A 17 6.44 6.87 2.36
N LEU A 1 -8.69 -0.87 -5.35
CA LEU A 1 -8.75 -0.12 -4.05
C LEU A 1 -7.63 -0.58 -3.11
N TRP A 2 -7.97 -0.98 -1.90
CA TRP A 2 -7.03 -1.52 -0.91
C TRP A 2 -6.42 -2.86 -1.37
N GLN A 3 -5.60 -3.49 -0.50
CA GLN A 3 -4.94 -4.79 -0.75
C GLN A 3 -3.93 -4.83 -1.90
N ARG A 4 -2.93 -3.95 -1.82
CA ARG A 4 -1.84 -3.96 -2.80
C ARG A 4 -0.50 -3.67 -2.25
N ARG A 5 -0.36 -2.83 -1.25
CA ARG A 5 0.89 -2.70 -0.65
C ARG A 5 1.17 -3.54 0.55
N GLN A 6 0.27 -4.45 0.81
CA GLN A 6 0.38 -5.48 1.85
C GLN A 6 1.58 -6.35 1.58
N ARG A 7 1.99 -6.25 0.34
CA ARG A 7 3.06 -6.98 -0.27
C ARG A 7 4.38 -6.26 -0.19
N ARG A 8 4.28 -5.03 0.27
CA ARG A 8 5.45 -4.14 0.43
C ARG A 8 5.62 -3.52 1.82
N GLY A 9 4.55 -3.56 2.59
CA GLY A 9 4.52 -2.93 3.90
C GLY A 9 4.02 -1.50 3.85
N GLU A 10 3.51 -1.14 2.68
CA GLU A 10 2.97 0.21 2.43
C GLU A 10 1.48 0.26 2.67
N GLU A 11 0.90 -0.91 2.82
CA GLU A 11 -0.54 -1.09 3.13
C GLU A 11 -1.49 -0.75 1.94
N ARG A 12 -1.84 0.53 1.83
CA ARG A 12 -2.79 1.01 0.84
C ARG A 12 -2.72 2.50 0.56
N LYS A 13 -3.16 2.86 -0.65
CA LYS A 13 -3.40 4.28 -1.09
C LYS A 13 -2.52 5.37 -0.56
N ALA A 14 -1.29 5.36 -1.04
CA ALA A 14 -0.34 6.38 -0.68
C ALA A 14 0.56 6.57 -1.86
N PRO A 15 1.11 7.77 -1.98
CA PRO A 15 2.11 8.00 -2.99
C PRO A 15 3.53 7.96 -2.37
N GLU A 16 3.86 6.83 -1.76
CA GLU A 16 5.08 6.62 -0.96
C GLU A 16 4.91 7.29 0.40
N ASN A 17 5.23 6.55 1.45
CA ASN A 17 5.14 7.04 2.84
C ASN A 17 6.47 7.59 3.29
#